data_4K12
#
_entry.id   4K12
#
_cell.length_a   41.587
_cell.length_b   48.985
_cell.length_c   71.382
_cell.angle_alpha   90.000
_cell.angle_beta   90.000
_cell.angle_gamma   90.000
#
_symmetry.space_group_name_H-M   'P 21 21 21'
#
loop_
_entity.id
_entity.type
_entity.pdbx_description
1 polymer 'Complement factor H'
2 polymer 'Choline binding protein A'
3 water water
#
loop_
_entity_poly.entity_id
_entity_poly.type
_entity_poly.pdbx_seq_one_letter_code
_entity_poly.pdbx_strand_id
1 'polypeptide(L)' GSHMSCDIPVFMNARTKNDFTWFKLNDTLDYECHDGYESNTGSTTGSIVCGYNGWSDLPICYER A
2 'polypeptide(L)'
;GHMDSERDKARKEVEEYVKKIVGESYAKSTKKRHTITVALVNELNNIKNEYLNKIVESTSESELQILMMESRSKVDEAVS
KFEK
;
B
#
# COMPACT_ATOMS: atom_id res chain seq x y z
N GLY A 1 1.70 -16.46 -5.51
CA GLY A 1 1.95 -15.91 -4.18
C GLY A 1 2.06 -14.39 -4.25
N SER A 2 1.89 -13.76 -3.10
CA SER A 2 1.79 -12.30 -3.03
C SER A 2 3.07 -11.55 -3.41
N HIS A 3 4.22 -12.23 -3.35
CA HIS A 3 5.51 -11.59 -3.73
C HIS A 3 5.86 -11.83 -5.20
N MET A 4 4.88 -12.28 -5.98
CA MET A 4 5.11 -12.56 -7.42
C MET A 4 4.43 -11.56 -8.33
N SER A 5 3.81 -10.52 -7.74
CA SER A 5 3.14 -9.50 -8.55
C SER A 5 2.91 -8.26 -7.73
N CYS A 6 2.56 -7.18 -8.43
CA CYS A 6 2.23 -5.91 -7.78
C CYS A 6 0.92 -5.38 -8.37
N ASP A 7 0.02 -4.89 -7.50
CA ASP A 7 -1.20 -4.25 -7.96
C ASP A 7 -0.86 -2.85 -8.49
N ILE A 8 -1.66 -2.32 -9.41
CA ILE A 8 -1.55 -0.90 -9.76
C ILE A 8 -1.54 -0.09 -8.44
N PRO A 9 -0.59 0.84 -8.28
CA PRO A 9 -0.52 1.60 -7.04
C PRO A 9 -1.53 2.75 -7.05
N VAL A 10 -1.73 3.36 -5.89
CA VAL A 10 -2.48 4.60 -5.81
C VAL A 10 -1.62 5.74 -6.37
N PHE A 11 -2.25 6.62 -7.16
CA PHE A 11 -1.61 7.79 -7.75
C PHE A 11 -2.04 9.01 -6.96
N MET A 12 -1.16 10.01 -6.88
CA MET A 12 -1.48 11.29 -6.24
C MET A 12 -0.79 12.40 -7.01
N ASN A 13 -1.61 13.29 -7.60
CA ASN A 13 -1.11 14.39 -8.43
C ASN A 13 -0.30 13.90 -9.63
N ALA A 14 -0.68 12.74 -10.13
CA ALA A 14 0.03 12.08 -11.24
C ALA A 14 -0.91 11.18 -12.00
N ARG A 15 -0.57 10.93 -13.27
CA ARG A 15 -1.32 10.02 -14.13
C ARG A 15 -0.44 8.93 -14.70
N THR A 16 -1.08 7.90 -15.25
CA THR A 16 -0.40 6.96 -16.12
C THR A 16 -1.30 6.67 -17.31
N LYS A 17 -0.67 6.41 -18.46
CA LYS A 17 -1.39 5.89 -19.62
C LYS A 17 -1.35 4.36 -19.67
N ASN A 18 -0.64 3.72 -18.71
CA ASN A 18 -0.60 2.27 -18.66
C ASN A 18 -1.96 1.75 -18.23
N ASP A 19 -2.47 0.77 -18.97
CA ASP A 19 -3.82 0.26 -18.76
C ASP A 19 -3.86 -1.12 -18.09
N PHE A 20 -2.71 -1.63 -17.65
CA PHE A 20 -2.71 -2.89 -16.91
C PHE A 20 -3.16 -2.62 -15.46
N THR A 21 -3.74 -3.64 -14.83
CA THR A 21 -4.25 -3.53 -13.45
C THR A 21 -3.36 -4.24 -12.44
N TRP A 22 -2.53 -5.17 -12.92
CA TRP A 22 -1.52 -5.78 -12.06
C TRP A 22 -0.32 -6.15 -12.91
N PHE A 23 0.81 -6.34 -12.27
CA PHE A 23 2.12 -6.36 -12.90
C PHE A 23 2.89 -7.56 -12.39
N LYS A 24 3.67 -8.17 -13.27
CA LYS A 24 4.62 -9.22 -12.88
C LYS A 24 5.90 -8.61 -12.35
N LEU A 25 6.69 -9.40 -11.63
CA LEU A 25 8.01 -8.95 -11.22
C LEU A 25 8.79 -8.42 -12.43
N ASN A 26 9.45 -7.28 -12.26
CA ASN A 26 10.26 -6.60 -13.28
C ASN A 26 9.46 -5.83 -14.32
N ASP A 27 8.14 -5.94 -14.29
CA ASP A 27 7.31 -5.06 -15.11
C ASP A 27 7.45 -3.63 -14.60
N THR A 28 7.19 -2.67 -15.47
CA THR A 28 7.34 -1.28 -15.13
C THR A 28 6.07 -0.48 -15.40
N LEU A 29 6.06 0.71 -14.82
CA LEU A 29 4.92 1.58 -14.93
CA LEU A 29 4.93 1.59 -14.96
C LEU A 29 5.47 3.03 -15.02
N ASP A 30 5.06 3.80 -16.04
CA ASP A 30 5.49 5.20 -16.15
C ASP A 30 4.40 6.11 -15.60
N TYR A 31 4.81 7.17 -14.92
CA TYR A 31 3.84 8.18 -14.46
C TYR A 31 4.30 9.56 -14.89
N GLU A 32 3.34 10.48 -14.90
CA GLU A 32 3.60 11.89 -15.21
C GLU A 32 2.85 12.73 -14.18
N CYS A 33 3.55 13.72 -13.62
CA CYS A 33 2.92 14.63 -12.68
C CYS A 33 1.89 15.54 -13.36
N HIS A 34 0.89 15.93 -12.60
CA HIS A 34 0.03 17.03 -13.01
C HIS A 34 0.87 18.28 -13.20
N ASP A 35 0.43 19.14 -14.13
CA ASP A 35 1.09 20.42 -14.31
C ASP A 35 1.17 21.13 -12.97
N GLY A 36 2.31 21.73 -12.70
CA GLY A 36 2.50 22.41 -11.44
C GLY A 36 3.03 21.55 -10.29
N TYR A 37 3.22 20.26 -10.55
CA TYR A 37 3.70 19.31 -9.54
C TYR A 37 4.97 18.62 -10.05
N GLU A 38 5.74 18.06 -9.11
CA GLU A 38 7.00 17.40 -9.47
C GLU A 38 7.23 16.23 -8.54
N SER A 39 8.08 15.31 -8.98
CA SER A 39 8.44 14.17 -8.16
C SER A 39 9.32 14.60 -7.00
N ASN A 40 9.62 13.65 -6.11
CA ASN A 40 10.52 13.93 -4.99
C ASN A 40 11.90 14.38 -5.42
N THR A 41 12.31 14.02 -6.64
CA THR A 41 13.62 14.42 -7.16
C THR A 41 13.52 15.59 -8.14
N GLY A 42 12.33 16.16 -8.33
CA GLY A 42 12.20 17.33 -9.19
C GLY A 42 11.84 17.05 -10.64
N SER A 43 11.46 15.83 -10.96
CA SER A 43 11.10 15.46 -12.33
CA SER A 43 11.11 15.47 -12.33
C SER A 43 9.61 15.56 -12.58
N THR A 44 9.21 15.73 -13.82
CA THR A 44 7.80 15.70 -14.15
C THR A 44 7.30 14.30 -14.49
N THR A 45 8.23 13.35 -14.62
CA THR A 45 7.89 11.97 -14.95
C THR A 45 8.74 11.00 -14.14
N GLY A 46 8.30 9.75 -14.08
CA GLY A 46 9.10 8.71 -13.47
C GLY A 46 8.71 7.36 -14.01
N SER A 47 9.52 6.36 -13.71
CA SER A 47 9.24 4.98 -14.07
CA SER A 47 9.24 4.97 -14.05
C SER A 47 9.50 4.14 -12.81
N ILE A 48 8.57 3.25 -12.48
CA ILE A 48 8.64 2.45 -11.27
C ILE A 48 8.61 0.99 -11.66
N VAL A 49 9.19 0.15 -10.79
CA VAL A 49 9.42 -1.25 -11.13
CA VAL A 49 9.36 -1.24 -11.15
C VAL A 49 8.81 -2.15 -10.07
N CYS A 50 8.11 -3.18 -10.50
CA CYS A 50 7.52 -4.16 -9.58
C CYS A 50 8.59 -5.15 -9.12
N GLY A 51 8.72 -5.29 -7.79
CA GLY A 51 9.70 -6.18 -7.21
C GLY A 51 9.09 -7.03 -6.10
N TYR A 52 9.94 -7.88 -5.53
CA TYR A 52 9.54 -8.83 -4.50
C TYR A 52 8.86 -8.10 -3.34
N ASN A 53 9.39 -6.92 -2.99
CA ASN A 53 8.98 -6.08 -1.87
C ASN A 53 7.70 -5.27 -2.14
N GLY A 54 7.34 -5.14 -3.41
CA GLY A 54 6.36 -4.14 -3.85
C GLY A 54 7.01 -3.22 -4.87
N TRP A 55 6.56 -1.98 -4.94
CA TRP A 55 7.03 -1.06 -5.96
C TRP A 55 8.35 -0.40 -5.57
N SER A 56 9.22 -0.18 -6.58
CA SER A 56 10.50 0.48 -6.32
C SER A 56 10.33 1.92 -5.86
N ASP A 57 9.21 2.51 -6.26
CA ASP A 57 8.91 3.94 -6.03
C ASP A 57 7.41 4.07 -6.25
N LEU A 58 6.81 5.19 -5.83
CA LEU A 58 5.35 5.38 -5.95
C LEU A 58 5.09 6.67 -6.75
N PRO A 59 3.97 6.70 -7.49
CA PRO A 59 3.62 7.84 -8.34
C PRO A 59 2.89 8.91 -7.55
N ILE A 60 3.67 9.61 -6.73
CA ILE A 60 3.20 10.75 -5.94
C ILE A 60 4.01 11.96 -6.40
N CYS A 61 3.30 13.00 -6.84
CA CYS A 61 3.94 14.29 -7.12
C CYS A 61 3.54 15.33 -6.09
N TYR A 62 4.34 16.39 -6.02
CA TYR A 62 4.30 17.37 -4.95
C TYR A 62 4.22 18.76 -5.54
N GLU A 63 3.44 19.63 -4.92
CA GLU A 63 3.21 20.95 -5.48
C GLU A 63 4.54 21.67 -5.55
N ARG A 64 4.84 22.28 -6.72
CA ARG A 64 6.09 23.02 -6.93
C ARG A 64 6.05 24.37 -6.22
N MET B 3 -20.30 -18.21 8.14
CA MET B 3 -18.85 -18.07 8.15
C MET B 3 -18.37 -17.35 6.87
N ASP B 4 -19.01 -17.59 5.73
CA ASP B 4 -18.63 -16.88 4.50
C ASP B 4 -18.87 -15.38 4.60
N SER B 5 -20.03 -15.02 5.11
CA SER B 5 -20.33 -13.61 5.34
C SER B 5 -19.36 -12.97 6.34
N GLU B 6 -19.10 -13.68 7.43
CA GLU B 6 -18.17 -13.14 8.42
C GLU B 6 -16.75 -12.99 7.87
N ARG B 7 -16.32 -13.96 7.07
CA ARG B 7 -15.01 -13.85 6.44
C ARG B 7 -14.94 -12.66 5.54
N ASP B 8 -16.01 -12.44 4.77
CA ASP B 8 -16.05 -11.29 3.86
C ASP B 8 -15.97 -9.98 4.62
N LYS B 9 -16.68 -9.90 5.74
CA LYS B 9 -16.65 -8.70 6.54
C LYS B 9 -15.26 -8.46 7.11
N ALA B 10 -14.59 -9.51 7.55
CA ALA B 10 -13.26 -9.39 8.13
C ALA B 10 -12.25 -8.94 7.06
N ARG B 11 -12.35 -9.53 5.87
CA ARG B 11 -11.48 -9.13 4.78
CA ARG B 11 -11.48 -9.12 4.76
C ARG B 11 -11.66 -7.64 4.46
N LYS B 12 -12.93 -7.21 4.41
CA LYS B 12 -13.21 -5.82 4.11
C LYS B 12 -12.64 -4.89 5.19
N GLU B 13 -12.79 -5.28 6.46
CA GLU B 13 -12.28 -4.44 7.54
CA GLU B 13 -12.27 -4.44 7.54
C GLU B 13 -10.76 -4.30 7.46
N VAL B 14 -10.07 -5.42 7.22
CA VAL B 14 -8.60 -5.38 7.12
C VAL B 14 -8.16 -4.52 5.94
N GLU B 15 -8.77 -4.74 4.78
CA GLU B 15 -8.44 -3.96 3.60
C GLU B 15 -8.70 -2.49 3.79
N GLU B 16 -9.85 -2.15 4.37
CA GLU B 16 -10.21 -0.75 4.55
C GLU B 16 -9.28 -0.03 5.54
N TYR B 17 -8.86 -0.74 6.59
CA TYR B 17 -7.94 -0.11 7.54
C TYR B 17 -6.59 0.14 6.90
N VAL B 18 -6.08 -0.85 6.16
CA VAL B 18 -4.82 -0.64 5.46
C VAL B 18 -4.94 0.49 4.44
N LYS B 19 -6.02 0.48 3.66
CA LYS B 19 -6.22 1.57 2.69
C LYS B 19 -6.26 2.93 3.37
N LYS B 20 -6.91 3.01 4.53
CA LYS B 20 -6.97 4.26 5.29
CA LYS B 20 -6.97 4.26 5.29
C LYS B 20 -5.57 4.75 5.66
N ILE B 21 -4.77 3.86 6.23
CA ILE B 21 -3.45 4.23 6.68
C ILE B 21 -2.52 4.51 5.50
N VAL B 22 -2.62 3.75 4.40
CA VAL B 22 -1.87 4.09 3.17
C VAL B 22 -2.28 5.49 2.72
N GLY B 23 -3.58 5.79 2.72
CA GLY B 23 -4.05 7.11 2.31
C GLY B 23 -3.50 8.22 3.18
N GLU B 24 -3.47 7.99 4.50
CA GLU B 24 -2.90 8.96 5.42
C GLU B 24 -1.41 9.16 5.16
N SER B 25 -0.71 8.08 4.82
CA SER B 25 0.71 8.14 4.51
CA SER B 25 0.72 8.15 4.51
C SER B 25 0.96 8.96 3.24
N TYR B 26 0.14 8.73 2.21
CA TYR B 26 0.21 9.57 1.00
C TYR B 26 -0.07 11.02 1.32
N ALA B 27 -1.12 11.29 2.09
CA ALA B 27 -1.56 12.68 2.35
C ALA B 27 -0.48 13.49 3.00
N LYS B 28 0.23 12.90 3.95
CA LYS B 28 1.27 13.61 4.65
C LYS B 28 2.64 13.55 3.97
N SER B 29 2.74 12.85 2.86
CA SER B 29 4.01 12.75 2.18
C SER B 29 4.46 14.12 1.66
N THR B 30 5.79 14.27 1.54
CA THR B 30 6.41 15.46 1.00
C THR B 30 7.60 14.97 0.18
N LYS B 31 8.26 15.86 -0.56
CA LYS B 31 9.46 15.43 -1.29
CA LYS B 31 9.47 15.43 -1.30
C LYS B 31 10.49 14.80 -0.35
N LYS B 32 10.69 15.43 0.81
CA LYS B 32 11.63 14.93 1.78
C LYS B 32 11.23 13.57 2.39
N ARG B 33 9.94 13.39 2.63
CA ARG B 33 9.43 12.17 3.27
C ARG B 33 9.15 11.05 2.26
N HIS B 34 9.28 11.33 0.96
CA HIS B 34 8.78 10.41 -0.05
C HIS B 34 9.32 8.98 0.07
N THR B 35 10.64 8.84 0.30
CA THR B 35 11.17 7.47 0.40
C THR B 35 10.65 6.69 1.63
N ILE B 36 10.34 7.40 2.71
CA ILE B 36 9.61 6.81 3.85
C ILE B 36 8.24 6.29 3.38
N THR B 37 7.53 7.12 2.63
CA THR B 37 6.20 6.74 2.17
C THR B 37 6.26 5.45 1.36
N VAL B 38 7.25 5.36 0.44
CA VAL B 38 7.35 4.15 -0.38
C VAL B 38 7.59 2.91 0.50
N ALA B 39 8.57 2.99 1.41
CA ALA B 39 8.90 1.84 2.25
C ALA B 39 7.71 1.44 3.12
N LEU B 40 7.07 2.42 3.72
CA LEU B 40 5.96 2.16 4.61
C LEU B 40 4.76 1.58 3.87
N VAL B 41 4.40 2.16 2.74
CA VAL B 41 3.28 1.65 1.98
C VAL B 41 3.51 0.21 1.51
N ASN B 42 4.70 -0.09 1.01
CA ASN B 42 4.98 -1.48 0.64
C ASN B 42 4.80 -2.40 1.83
N GLU B 43 5.29 -1.99 3.00
CA GLU B 43 5.18 -2.81 4.21
C GLU B 43 3.72 -2.98 4.61
N LEU B 44 2.92 -1.92 4.54
CA LEU B 44 1.52 -2.02 4.91
C LEU B 44 0.78 -2.99 4.00
N ASN B 45 1.04 -2.95 2.70
CA ASN B 45 0.42 -3.90 1.78
C ASN B 45 0.87 -5.35 2.02
N ASN B 46 2.12 -5.50 2.46
CA ASN B 46 2.62 -6.83 2.86
CA ASN B 46 2.61 -6.82 2.85
C ASN B 46 1.85 -7.36 4.08
N ILE B 47 1.65 -6.51 5.08
CA ILE B 47 0.85 -6.88 6.28
C ILE B 47 -0.57 -7.24 5.86
N LYS B 48 -1.14 -6.41 4.99
CA LYS B 48 -2.49 -6.68 4.50
C LYS B 48 -2.57 -8.10 3.92
N ASN B 49 -1.63 -8.42 3.03
CA ASN B 49 -1.70 -9.73 2.39
C ASN B 49 -1.58 -10.85 3.41
N GLU B 50 -0.69 -10.69 4.40
CA GLU B 50 -0.51 -11.71 5.42
C GLU B 50 -1.83 -12.00 6.14
N TYR B 51 -2.51 -10.94 6.58
CA TYR B 51 -3.73 -11.12 7.35
C TYR B 51 -4.94 -11.52 6.51
N LEU B 52 -5.01 -11.05 5.27
CA LEU B 52 -6.09 -11.54 4.40
C LEU B 52 -5.92 -13.04 4.16
N ASN B 53 -4.69 -13.51 3.99
CA ASN B 53 -4.47 -14.94 3.81
C ASN B 53 -4.87 -15.77 5.04
N LYS B 54 -4.57 -15.25 6.22
CA LYS B 54 -4.99 -15.93 7.45
C LYS B 54 -6.51 -15.95 7.56
N ILE B 55 -7.15 -14.84 7.18
CA ILE B 55 -8.58 -14.75 7.24
C ILE B 55 -9.27 -15.76 6.30
N VAL B 56 -8.76 -15.89 5.08
CA VAL B 56 -9.47 -16.74 4.10
C VAL B 56 -9.54 -18.20 4.56
N GLU B 57 -8.56 -18.63 5.35
CA GLU B 57 -8.52 -20.01 5.79
C GLU B 57 -9.05 -20.17 7.23
N SER B 58 -9.53 -19.10 7.85
CA SER B 58 -10.01 -19.16 9.23
CA SER B 58 -10.02 -19.17 9.24
C SER B 58 -11.30 -19.96 9.35
N THR B 59 -11.48 -20.64 10.49
CA THR B 59 -12.64 -21.49 10.71
C THR B 59 -13.59 -21.03 11.82
N SER B 60 -13.31 -19.90 12.46
CA SER B 60 -14.26 -19.43 13.45
C SER B 60 -14.37 -17.92 13.48
N GLU B 61 -15.52 -17.46 13.95
CA GLU B 61 -15.76 -16.03 14.05
C GLU B 61 -14.81 -15.36 15.05
N SER B 62 -14.54 -16.04 16.17
CA SER B 62 -13.62 -15.44 17.13
C SER B 62 -12.22 -15.30 16.57
N GLU B 63 -11.78 -16.28 15.78
CA GLU B 63 -10.46 -16.17 15.15
C GLU B 63 -10.43 -14.97 14.21
N LEU B 64 -11.53 -14.75 13.47
CA LEU B 64 -11.61 -13.57 12.60
C LEU B 64 -11.44 -12.27 13.36
N GLN B 65 -12.10 -12.16 14.53
CA GLN B 65 -11.98 -10.98 15.36
CA GLN B 65 -11.98 -10.97 15.32
C GLN B 65 -10.54 -10.77 15.81
N ILE B 66 -9.90 -11.86 16.27
CA ILE B 66 -8.50 -11.79 16.67
C ILE B 66 -7.62 -11.30 15.52
N LEU B 67 -7.80 -11.86 14.33
CA LEU B 67 -7.02 -11.49 13.16
C LEU B 67 -7.21 -10.05 12.73
N MET B 68 -8.45 -9.55 12.79
CA MET B 68 -8.67 -8.13 12.50
C MET B 68 -7.88 -7.23 13.44
N MET B 69 -7.90 -7.60 14.72
CA MET B 69 -7.22 -6.83 15.77
C MET B 69 -5.70 -6.88 15.59
N GLU B 70 -5.21 -8.08 15.25
CA GLU B 70 -3.77 -8.27 15.06
C GLU B 70 -3.26 -7.49 13.85
N SER B 71 -4.04 -7.51 12.75
CA SER B 71 -3.66 -6.76 11.56
CA SER B 71 -3.67 -6.75 11.57
C SER B 71 -3.55 -5.26 11.89
N ARG B 72 -4.56 -4.73 12.60
CA ARG B 72 -4.54 -3.31 12.94
CA ARG B 72 -4.54 -3.31 12.94
C ARG B 72 -3.31 -2.96 13.78
N SER B 73 -3.02 -3.82 14.76
CA SER B 73 -1.85 -3.59 15.60
CA SER B 73 -1.83 -3.62 15.60
C SER B 73 -0.54 -3.62 14.79
N LYS B 74 -0.41 -4.59 13.87
CA LYS B 74 0.80 -4.67 13.05
CA LYS B 74 0.81 -4.67 13.06
C LYS B 74 0.95 -3.43 12.15
N VAL B 75 -0.16 -2.96 11.59
CA VAL B 75 -0.16 -1.74 10.78
C VAL B 75 0.29 -0.55 11.63
N ASP B 76 -0.29 -0.41 12.83
CA ASP B 76 0.07 0.70 13.69
C ASP B 76 1.53 0.62 14.15
N GLU B 77 2.02 -0.58 14.40
CA GLU B 77 3.40 -0.77 14.75
C GLU B 77 4.33 -0.32 13.61
N ALA B 78 3.99 -0.71 12.38
CA ALA B 78 4.80 -0.30 11.23
C ALA B 78 4.87 1.23 11.11
N VAL B 79 3.72 1.89 11.28
CA VAL B 79 3.69 3.35 11.18
C VAL B 79 4.59 3.95 12.27
N SER B 80 4.57 3.36 13.47
CA SER B 80 5.31 3.88 14.62
C SER B 80 6.82 3.90 14.43
N LYS B 81 7.31 3.17 13.45
CA LYS B 81 8.74 3.12 13.20
CA LYS B 81 8.74 3.12 13.20
C LYS B 81 9.26 4.41 12.55
N PHE B 82 8.34 5.24 12.06
CA PHE B 82 8.71 6.52 11.44
C PHE B 82 8.07 7.68 12.21
N GLU B 83 8.71 8.83 12.13
CA GLU B 83 8.15 10.02 12.76
C GLU B 83 6.78 10.31 12.18
N LYS B 84 5.93 11.00 12.94
CA LYS B 84 4.60 11.37 12.46
C LYS B 84 4.68 12.45 11.41
#